data_7NAH
#
_entry.id   7NAH
#
_cell.length_a   86.235
_cell.length_b   116.569
_cell.length_c   32.914
_cell.angle_alpha   90.000
_cell.angle_beta   90.000
_cell.angle_gamma   90.000
#
_symmetry.space_group_name_H-M   'P 21 21 2'
#
loop_
_entity.id
_entity.type
_entity.pdbx_description
1 polymer 'Sterile alpha and TIR motif-containing protein 1'
2 non-polymer '[[(2~{R},3~{S},4~{R},5~{R})-5-(6-aminopurin-9-yl)-3,4-bis(oxidanyl)oxolan-2-yl]methoxy-oxidanyl-phosphoryl] [(2~{R},3~{S},4~{R},5~{R})-3,4-bis(oxidanyl)-5-(8-oxidanylidene-7~{H}-2,7-naphthyridin-2-yl)oxolan-2-yl]methyl hydrogen phosphate'
3 water water
#
_entity_poly.entity_id   1
_entity_poly.type   'polypeptide(L)'
_entity_poly.pdbx_seq_one_letter_code
;SNADTPDVFISYRRNSGSQLASLLKVHLQLHGFSVFIDVEKLEAGKFEDKLIQSVMGARNFVLVLSPGALDKCMQDHDCK
DWVHKEIVTALSCGKNIVPIIDGFEWPEPQVLPEDMQAVLTFNGIKWSHEYQEATIEKIIRFLQ
;
_entity_poly.pdbx_strand_id   A,B
#
# COMPACT_ATOMS: atom_id res chain seq x y z
N THR A 5 5.90 -7.43 -24.42
CA THR A 5 6.09 -8.03 -23.10
C THR A 5 6.46 -6.96 -22.07
N PRO A 6 6.30 -7.27 -20.80
CA PRO A 6 6.52 -6.25 -19.75
C PRO A 6 7.96 -5.77 -19.67
N ASP A 7 8.11 -4.47 -19.36
CA ASP A 7 9.38 -3.85 -19.02
C ASP A 7 9.82 -4.15 -17.60
N VAL A 8 8.87 -4.37 -16.70
CA VAL A 8 9.10 -4.42 -15.27
C VAL A 8 8.30 -5.55 -14.68
N PHE A 9 8.97 -6.40 -13.89
CA PHE A 9 8.32 -7.44 -13.09
C PHE A 9 8.39 -7.01 -11.63
N ILE A 10 7.25 -7.03 -10.93
CA ILE A 10 7.22 -6.67 -9.52
C ILE A 10 7.06 -7.94 -8.69
N SER A 11 8.06 -8.21 -7.85
CA SER A 11 8.11 -9.36 -6.95
C SER A 11 7.88 -8.86 -5.53
N TYR A 12 7.00 -9.53 -4.79
CA TYR A 12 6.54 -9.03 -3.49
C TYR A 12 5.92 -10.17 -2.69
N ARG A 13 5.72 -9.91 -1.39
CA ARG A 13 5.02 -10.81 -0.49
C ARG A 13 3.57 -10.43 -0.42
N ARG A 14 2.67 -11.39 -0.70
CA ARG A 14 1.24 -11.07 -0.68
C ARG A 14 0.81 -10.59 0.69
N ASN A 15 1.38 -11.15 1.76
CA ASN A 15 0.86 -10.82 3.07
C ASN A 15 1.42 -9.53 3.69
N SER A 16 2.37 -8.84 3.04
CA SER A 16 2.94 -7.66 3.66
C SER A 16 3.29 -6.53 2.69
N GLY A 17 3.52 -6.86 1.42
CA GLY A 17 3.91 -5.87 0.43
C GLY A 17 2.90 -5.63 -0.67
N SER A 18 1.66 -6.14 -0.55
N SER A 18 1.66 -6.15 -0.55
CA SER A 18 0.71 -6.11 -1.65
CA SER A 18 0.69 -6.10 -1.63
C SER A 18 0.31 -4.68 -2.02
C SER A 18 0.34 -4.68 -2.01
N GLN A 19 0.10 -3.83 -1.01
CA GLN A 19 -0.34 -2.47 -1.29
C GLN A 19 0.76 -1.66 -1.98
N LEU A 20 1.98 -1.71 -1.45
CA LEU A 20 3.08 -0.99 -2.09
C LEU A 20 3.34 -1.52 -3.49
N ALA A 21 3.33 -2.83 -3.66
CA ALA A 21 3.54 -3.41 -4.98
C ALA A 21 2.50 -2.86 -5.98
N SER A 22 1.24 -2.76 -5.54
CA SER A 22 0.19 -2.21 -6.39
C SER A 22 0.42 -0.73 -6.67
N LEU A 23 0.87 0.01 -5.65
CA LEU A 23 1.12 1.43 -5.80
C LEU A 23 2.27 1.68 -6.78
N LEU A 24 3.35 0.90 -6.67
CA LEU A 24 4.43 0.97 -7.65
C LEU A 24 3.90 0.71 -9.05
N LYS A 25 3.02 -0.29 -9.20
CA LYS A 25 2.52 -0.64 -10.52
C LYS A 25 1.79 0.53 -11.17
N VAL A 26 0.91 1.18 -10.40
CA VAL A 26 0.13 2.31 -10.92
C VAL A 26 1.05 3.42 -11.37
N HIS A 27 2.02 3.79 -10.53
CA HIS A 27 2.91 4.88 -10.87
C HIS A 27 3.76 4.55 -12.10
N LEU A 28 4.30 3.35 -12.16
CA LEU A 28 5.17 3.02 -13.28
C LEU A 28 4.37 2.98 -14.58
N GLN A 29 3.12 2.49 -14.52
CA GLN A 29 2.26 2.54 -15.71
C GLN A 29 1.95 3.98 -16.11
N LEU A 30 1.75 4.85 -15.12
CA LEU A 30 1.46 6.25 -15.44
C LEU A 30 2.63 6.88 -16.17
N HIS A 31 3.84 6.41 -15.92
CA HIS A 31 5.05 6.91 -16.56
C HIS A 31 5.43 6.13 -17.81
N GLY A 32 4.53 5.31 -18.33
CA GLY A 32 4.74 4.68 -19.62
C GLY A 32 5.41 3.31 -19.63
N PHE A 33 5.66 2.72 -18.47
CA PHE A 33 6.23 1.37 -18.43
C PHE A 33 5.14 0.31 -18.46
N SER A 34 5.42 -0.80 -19.14
N SER A 34 5.43 -0.80 -19.13
CA SER A 34 4.61 -1.99 -19.06
CA SER A 34 4.61 -1.99 -19.06
C SER A 34 5.06 -2.80 -17.85
C SER A 34 5.06 -2.80 -17.85
N VAL A 35 4.11 -3.16 -17.00
CA VAL A 35 4.42 -3.76 -15.71
C VAL A 35 3.72 -5.09 -15.60
N PHE A 36 4.45 -6.10 -15.13
CA PHE A 36 3.89 -7.37 -14.71
C PHE A 36 3.77 -7.42 -13.19
N ILE A 37 2.54 -7.57 -12.70
CA ILE A 37 2.27 -8.00 -11.33
C ILE A 37 1.27 -9.15 -11.44
N ASP A 38 1.47 -10.19 -10.61
CA ASP A 38 0.72 -11.43 -10.75
C ASP A 38 -0.78 -11.19 -10.85
N VAL A 39 -1.33 -10.38 -9.94
CA VAL A 39 -2.79 -10.27 -9.90
C VAL A 39 -3.35 -9.57 -11.12
N GLU A 40 -2.54 -8.84 -11.90
CA GLU A 40 -3.09 -8.23 -13.10
C GLU A 40 -2.76 -9.02 -14.35
N LYS A 41 -1.61 -9.71 -14.41
CA LYS A 41 -1.18 -10.27 -15.69
C LYS A 41 -0.88 -11.76 -15.72
N LEU A 42 -0.89 -12.47 -14.61
CA LEU A 42 -0.70 -13.90 -14.66
C LEU A 42 -2.04 -14.52 -15.03
N GLU A 43 -2.08 -15.30 -16.09
CA GLU A 43 -3.35 -15.86 -16.54
C GLU A 43 -3.30 -17.37 -16.41
N ALA A 44 -3.95 -18.11 -17.32
CA ALA A 44 -4.19 -19.52 -17.06
C ALA A 44 -2.93 -20.35 -17.26
N GLY A 45 -2.89 -21.48 -16.58
CA GLY A 45 -1.86 -22.48 -16.78
C GLY A 45 -1.10 -22.79 -15.50
N LYS A 46 -0.04 -23.58 -15.66
CA LYS A 46 0.77 -23.97 -14.50
C LYS A 46 1.58 -22.77 -14.04
N PHE A 47 1.24 -22.24 -12.86
CA PHE A 47 1.74 -20.90 -12.52
C PHE A 47 3.24 -20.91 -12.29
N GLU A 48 3.80 -22.05 -11.87
CA GLU A 48 5.26 -22.06 -11.63
C GLU A 48 6.01 -21.70 -12.91
N ASP A 49 5.69 -22.37 -14.01
CA ASP A 49 6.37 -22.09 -15.27
C ASP A 49 6.05 -20.69 -15.76
N LYS A 50 4.81 -20.26 -15.63
CA LYS A 50 4.43 -18.96 -16.22
C LYS A 50 5.07 -17.81 -15.46
N LEU A 51 5.17 -17.94 -14.13
CA LEU A 51 5.78 -16.87 -13.34
C LEU A 51 7.25 -16.76 -13.66
N ILE A 52 7.94 -17.90 -13.73
CA ILE A 52 9.37 -17.87 -14.06
C ILE A 52 9.58 -17.27 -15.45
N GLN A 53 8.76 -17.68 -16.41
CA GLN A 53 8.86 -17.11 -17.75
C GLN A 53 8.60 -15.60 -17.76
N SER A 54 7.70 -15.13 -16.90
CA SER A 54 7.41 -13.70 -16.86
C SER A 54 8.56 -12.91 -16.25
N VAL A 55 9.25 -13.48 -15.27
CA VAL A 55 10.47 -12.84 -14.78
C VAL A 55 11.51 -12.76 -15.89
N MET A 56 11.70 -13.86 -16.62
CA MET A 56 12.68 -13.87 -17.70
C MET A 56 12.35 -12.86 -18.79
N GLY A 57 11.08 -12.58 -19.01
CA GLY A 57 10.69 -11.67 -20.07
C GLY A 57 10.97 -10.21 -19.80
N ALA A 58 10.97 -9.81 -18.53
CA ALA A 58 11.08 -8.40 -18.17
C ALA A 58 12.53 -7.99 -17.96
N ARG A 59 12.90 -6.83 -18.51
CA ARG A 59 14.27 -6.34 -18.34
C ARG A 59 14.57 -5.93 -16.91
N ASN A 60 13.58 -5.41 -16.21
CA ASN A 60 13.76 -4.85 -14.88
C ASN A 60 13.01 -5.72 -13.87
N PHE A 61 13.60 -5.90 -12.68
CA PHE A 61 13.03 -6.75 -11.63
C PHE A 61 12.96 -5.88 -10.38
N VAL A 62 11.74 -5.42 -10.04
CA VAL A 62 11.52 -4.54 -8.88
C VAL A 62 11.11 -5.44 -7.72
N LEU A 63 11.89 -5.44 -6.65
CA LEU A 63 11.70 -6.34 -5.52
C LEU A 63 11.23 -5.54 -4.31
N VAL A 64 10.01 -5.80 -3.86
CA VAL A 64 9.42 -5.06 -2.74
C VAL A 64 9.84 -5.72 -1.46
N LEU A 65 10.76 -5.08 -0.75
CA LEU A 65 11.26 -5.61 0.51
C LEU A 65 10.49 -4.92 1.64
N SER A 66 9.32 -5.46 1.92
CA SER A 66 8.54 -5.13 3.11
C SER A 66 9.18 -5.82 4.33
N PRO A 67 8.73 -5.47 5.54
CA PRO A 67 9.36 -6.06 6.72
C PRO A 67 9.27 -7.58 6.70
N GLY A 68 10.42 -8.23 6.92
CA GLY A 68 10.44 -9.69 6.96
C GLY A 68 10.31 -10.36 5.62
N ALA A 69 10.45 -9.64 4.51
CA ALA A 69 10.04 -10.19 3.22
C ALA A 69 10.93 -11.34 2.76
N LEU A 70 12.15 -11.46 3.27
CA LEU A 70 12.99 -12.60 2.89
C LEU A 70 13.00 -13.70 3.94
N ASP A 71 12.16 -13.61 4.98
CA ASP A 71 12.20 -14.58 6.07
C ASP A 71 11.89 -15.99 5.58
N LYS A 72 10.88 -16.14 4.73
CA LYS A 72 10.51 -17.46 4.24
C LYS A 72 11.53 -18.00 3.22
N CYS A 73 12.50 -17.18 2.77
CA CYS A 73 13.59 -17.66 1.95
C CYS A 73 14.65 -18.38 2.79
N MET A 74 14.68 -18.09 4.08
CA MET A 74 15.73 -18.61 4.94
C MET A 74 15.59 -20.11 5.10
N GLN A 75 16.67 -20.84 4.81
CA GLN A 75 16.71 -22.30 4.87
C GLN A 75 15.83 -22.96 3.82
N ASP A 76 15.39 -22.20 2.82
CA ASP A 76 14.59 -22.73 1.71
C ASP A 76 15.48 -23.26 0.59
N HIS A 77 16.31 -24.25 0.93
CA HIS A 77 17.35 -24.66 0.00
C HIS A 77 16.81 -25.45 -1.19
N ASP A 78 15.64 -26.07 -1.05
CA ASP A 78 14.91 -26.66 -2.16
C ASP A 78 14.23 -25.61 -3.06
N CYS A 79 14.30 -24.34 -2.69
CA CYS A 79 13.79 -23.24 -3.51
C CYS A 79 12.29 -23.42 -3.80
N LYS A 80 11.54 -23.71 -2.76
CA LYS A 80 10.09 -23.80 -2.89
C LYS A 80 9.39 -22.48 -2.61
N ASP A 81 10.06 -21.53 -1.97
CA ASP A 81 9.46 -20.24 -1.68
C ASP A 81 9.40 -19.36 -2.93
N TRP A 82 8.28 -18.66 -3.13
CA TRP A 82 8.07 -18.02 -4.43
C TRP A 82 8.94 -16.78 -4.60
N VAL A 83 9.12 -15.97 -3.55
CA VAL A 83 10.01 -14.83 -3.68
C VAL A 83 11.44 -15.31 -3.92
N HIS A 84 11.83 -16.37 -3.23
CA HIS A 84 13.12 -17.00 -3.50
C HIS A 84 13.25 -17.41 -4.97
N LYS A 85 12.22 -18.09 -5.52
CA LYS A 85 12.28 -18.52 -6.91
C LYS A 85 12.44 -17.34 -7.86
N GLU A 86 11.65 -16.28 -7.63
CA GLU A 86 11.70 -15.12 -8.51
C GLU A 86 13.07 -14.42 -8.44
N ILE A 87 13.63 -14.28 -7.22
CA ILE A 87 14.93 -13.65 -7.07
C ILE A 87 16.00 -14.48 -7.78
N VAL A 88 15.96 -15.80 -7.64
CA VAL A 88 17.02 -16.62 -8.24
C VAL A 88 16.96 -16.51 -9.74
N THR A 89 15.74 -16.49 -10.31
CA THR A 89 15.57 -16.30 -11.74
C THR A 89 16.12 -14.95 -12.18
N ALA A 90 15.78 -13.87 -11.46
CA ALA A 90 16.30 -12.55 -11.86
C ALA A 90 17.83 -12.51 -11.79
N LEU A 91 18.41 -13.10 -10.74
CA LEU A 91 19.87 -13.09 -10.61
C LEU A 91 20.50 -13.90 -11.74
N SER A 92 19.97 -15.09 -12.01
N SER A 92 19.99 -15.11 -11.97
CA SER A 92 20.60 -15.99 -12.98
CA SER A 92 20.56 -15.98 -12.99
C SER A 92 20.44 -15.52 -14.42
C SER A 92 20.54 -15.33 -14.35
N CYS A 93 19.44 -14.67 -14.69
CA CYS A 93 19.26 -14.05 -15.98
C CYS A 93 19.97 -12.71 -16.10
N GLY A 94 20.60 -12.23 -15.04
CA GLY A 94 21.30 -10.94 -15.11
C GLY A 94 20.39 -9.76 -15.24
N LYS A 95 19.23 -9.80 -14.62
CA LYS A 95 18.28 -8.71 -14.71
C LYS A 95 18.77 -7.48 -13.96
N ASN A 96 18.23 -6.32 -14.35
CA ASN A 96 18.39 -5.08 -13.62
C ASN A 96 17.48 -5.15 -12.40
N ILE A 97 18.06 -5.48 -11.26
CA ILE A 97 17.32 -5.69 -10.02
C ILE A 97 17.29 -4.38 -9.24
N VAL A 98 16.09 -3.97 -8.82
CA VAL A 98 15.87 -2.70 -8.11
C VAL A 98 15.11 -3.02 -6.83
N PRO A 99 15.82 -3.17 -5.72
CA PRO A 99 15.15 -3.40 -4.43
C PRO A 99 14.52 -2.13 -3.92
N ILE A 100 13.29 -2.27 -3.41
CA ILE A 100 12.53 -1.18 -2.78
C ILE A 100 12.38 -1.54 -1.31
N ILE A 101 12.92 -0.70 -0.44
CA ILE A 101 13.00 -0.99 0.99
C ILE A 101 11.89 -0.22 1.70
N ASP A 102 11.00 -0.95 2.36
CA ASP A 102 9.89 -0.38 3.14
C ASP A 102 9.85 -1.06 4.51
N GLY A 103 10.66 -0.58 5.44
CA GLY A 103 10.71 -1.16 6.77
C GLY A 103 11.50 -2.43 6.88
N PHE A 104 12.32 -2.73 5.88
CA PHE A 104 13.10 -3.98 5.81
C PHE A 104 14.44 -3.79 6.51
N GLU A 105 14.86 -4.82 7.24
CA GLU A 105 16.19 -4.87 7.83
C GLU A 105 17.07 -5.79 7.00
N TRP A 106 18.21 -5.29 6.55
CA TRP A 106 19.15 -6.09 5.78
C TRP A 106 19.65 -7.26 6.62
N PRO A 107 19.47 -8.50 6.18
CA PRO A 107 20.01 -9.63 6.93
C PRO A 107 21.48 -9.85 6.57
N GLU A 108 22.16 -10.58 7.44
CA GLU A 108 23.47 -11.08 7.10
C GLU A 108 23.34 -12.06 5.93
N PRO A 109 24.26 -12.04 4.97
CA PRO A 109 24.11 -12.92 3.80
C PRO A 109 24.02 -14.40 4.14
N GLN A 110 24.72 -14.85 5.18
CA GLN A 110 24.80 -16.29 5.44
C GLN A 110 23.50 -16.89 5.96
N VAL A 111 22.50 -16.08 6.30
CA VAL A 111 21.23 -16.66 6.71
C VAL A 111 20.35 -17.03 5.51
N LEU A 112 20.74 -16.60 4.30
CA LEU A 112 20.03 -16.82 3.04
C LEU A 112 20.68 -17.93 2.23
N PRO A 113 19.90 -18.68 1.43
CA PRO A 113 20.51 -19.67 0.55
C PRO A 113 21.52 -19.03 -0.40
N GLU A 114 22.60 -19.78 -0.70
CA GLU A 114 23.68 -19.21 -1.50
C GLU A 114 23.21 -18.70 -2.85
N ASP A 115 22.20 -19.33 -3.44
CA ASP A 115 21.80 -18.93 -4.77
C ASP A 115 21.08 -17.58 -4.82
N MET A 116 20.81 -16.96 -3.67
CA MET A 116 20.21 -15.63 -3.67
C MET A 116 20.94 -14.60 -2.81
N GLN A 117 22.08 -14.95 -2.22
CA GLN A 117 22.77 -13.97 -1.39
C GLN A 117 23.16 -12.73 -2.19
N ALA A 118 23.39 -12.88 -3.49
CA ALA A 118 23.81 -11.74 -4.30
C ALA A 118 22.75 -10.63 -4.38
N VAL A 119 21.48 -10.92 -4.02
CA VAL A 119 20.47 -9.86 -4.10
C VAL A 119 20.82 -8.71 -3.17
N LEU A 120 21.51 -8.99 -2.06
CA LEU A 120 21.90 -7.96 -1.10
C LEU A 120 22.95 -6.98 -1.64
N THR A 121 23.61 -7.29 -2.74
CA THR A 121 24.67 -6.44 -3.28
C THR A 121 24.16 -5.38 -4.24
N PHE A 122 22.85 -5.36 -4.52
CA PHE A 122 22.27 -4.37 -5.43
C PHE A 122 21.82 -3.11 -4.68
N ASN A 123 22.06 -1.96 -5.30
CA ASN A 123 21.72 -0.67 -4.70
C ASN A 123 20.20 -0.57 -4.60
N GLY A 124 19.71 -0.38 -3.38
CA GLY A 124 18.29 -0.29 -3.13
C GLY A 124 17.79 1.13 -2.97
N ILE A 125 16.47 1.27 -3.05
CA ILE A 125 15.76 2.54 -2.94
C ILE A 125 14.85 2.49 -1.73
N LYS A 126 14.92 3.51 -0.87
CA LYS A 126 14.07 3.54 0.32
C LYS A 126 12.74 4.17 -0.04
N TRP A 127 11.64 3.46 0.25
CA TRP A 127 10.32 4.00 0.01
C TRP A 127 10.07 5.08 1.06
N SER A 128 9.77 6.30 0.61
CA SER A 128 9.46 7.40 1.51
C SER A 128 7.98 7.77 1.44
N HIS A 129 7.25 7.47 2.50
CA HIS A 129 5.83 7.85 2.53
C HIS A 129 5.65 9.35 2.43
N GLU A 130 6.57 10.15 2.98
CA GLU A 130 6.46 11.61 2.90
C GLU A 130 6.91 12.21 1.58
N TYR A 131 7.73 11.50 0.80
CA TYR A 131 8.27 11.99 -0.47
C TYR A 131 8.09 10.91 -1.54
N GLN A 132 6.82 10.57 -1.84
CA GLN A 132 6.54 9.46 -2.76
C GLN A 132 6.88 9.81 -4.20
N GLU A 133 6.54 11.02 -4.66
CA GLU A 133 6.88 11.42 -6.01
C GLU A 133 8.39 11.30 -6.26
N ALA A 134 9.20 11.75 -5.30
CA ALA A 134 10.65 11.68 -5.44
C ALA A 134 11.13 10.24 -5.43
N THR A 135 10.53 9.39 -4.60
CA THR A 135 10.84 7.96 -4.62
C THR A 135 10.55 7.38 -6.00
N ILE A 136 9.37 7.68 -6.55
CA ILE A 136 9.02 7.18 -7.89
C ILE A 136 9.99 7.69 -8.94
N GLU A 137 10.39 8.95 -8.86
CA GLU A 137 11.32 9.47 -9.86
C GLU A 137 12.67 8.77 -9.77
N LYS A 138 13.11 8.44 -8.55
CA LYS A 138 14.37 7.70 -8.40
C LYS A 138 14.25 6.29 -8.96
N ILE A 139 13.13 5.61 -8.67
CA ILE A 139 12.92 4.29 -9.27
C ILE A 139 13.05 4.35 -10.80
N ILE A 140 12.42 5.35 -11.41
CA ILE A 140 12.44 5.48 -12.87
C ILE A 140 13.86 5.72 -13.35
N ARG A 141 14.65 6.49 -12.61
CA ARG A 141 16.06 6.67 -12.99
C ARG A 141 16.82 5.33 -12.94
N PHE A 142 16.44 4.44 -12.01
CA PHE A 142 17.11 3.13 -11.91
C PHE A 142 16.68 2.16 -13.00
N LEU A 143 15.50 2.34 -13.58
CA LEU A 143 15.01 1.39 -14.57
C LEU A 143 15.77 1.55 -15.87
N GLN A 144 15.91 0.43 -16.58
CA GLN A 144 16.55 0.37 -17.88
C GLN A 144 15.52 0.14 -18.98
N THR B 5 -11.86 23.39 -2.20
CA THR B 5 -11.23 22.52 -1.22
C THR B 5 -11.63 21.06 -1.47
N PRO B 6 -10.89 20.13 -0.86
CA PRO B 6 -10.95 18.73 -1.32
C PRO B 6 -12.32 18.09 -1.19
N ASP B 7 -12.60 17.19 -2.14
CA ASP B 7 -13.81 16.36 -2.14
C ASP B 7 -13.73 15.26 -1.09
N VAL B 8 -12.52 14.80 -0.79
CA VAL B 8 -12.32 13.55 -0.06
C VAL B 8 -11.18 13.76 0.93
N PHE B 9 -11.42 13.38 2.19
CA PHE B 9 -10.40 13.34 3.23
C PHE B 9 -10.11 11.86 3.49
N ILE B 10 -8.83 11.47 3.46
CA ILE B 10 -8.42 10.12 3.78
C ILE B 10 -7.81 10.06 5.17
N SER B 11 -8.45 9.30 6.07
CA SER B 11 -8.02 9.10 7.46
C SER B 11 -7.44 7.70 7.57
N TYR B 12 -6.27 7.58 8.22
CA TYR B 12 -5.58 6.31 8.21
C TYR B 12 -4.56 6.28 9.35
N ARG B 13 -4.04 5.07 9.63
CA ARG B 13 -2.94 4.88 10.57
C ARG B 13 -1.60 4.86 9.86
N ARG B 14 -0.69 5.77 10.24
CA ARG B 14 0.61 5.83 9.60
C ARG B 14 1.30 4.47 9.65
N ASN B 15 1.17 3.75 10.77
CA ASN B 15 1.99 2.55 10.96
C ASN B 15 1.45 1.32 10.27
N SER B 16 0.24 1.34 9.71
CA SER B 16 -0.30 0.15 9.06
C SER B 16 -1.09 0.39 7.79
N GLY B 17 -1.67 1.57 7.58
CA GLY B 17 -2.45 1.84 6.39
C GLY B 17 -1.87 2.85 5.43
N SER B 18 -0.60 3.22 5.57
N SER B 18 -0.60 3.24 5.59
CA SER B 18 -0.02 4.30 4.76
CA SER B 18 0.01 4.28 4.75
C SER B 18 0.00 3.93 3.28
C SER B 18 -0.04 3.92 3.28
N GLN B 19 0.34 2.68 2.95
CA GLN B 19 0.40 2.30 1.54
C GLN B 19 -0.98 2.28 0.90
N LEU B 20 -1.97 1.67 1.55
CA LEU B 20 -3.31 1.66 0.97
C LEU B 20 -3.88 3.07 0.89
N ALA B 21 -3.65 3.88 1.93
CA ALA B 21 -4.15 5.25 1.89
C ALA B 21 -3.57 5.98 0.68
N SER B 22 -2.28 5.78 0.41
CA SER B 22 -1.64 6.44 -0.73
C SER B 22 -2.18 5.93 -2.03
N LEU B 23 -2.41 4.62 -2.13
CA LEU B 23 -3.00 4.00 -3.32
C LEU B 23 -4.39 4.54 -3.58
N LEU B 24 -5.22 4.64 -2.54
CA LEU B 24 -6.54 5.23 -2.70
C LEU B 24 -6.45 6.66 -3.21
N LYS B 25 -5.52 7.45 -2.66
CA LYS B 25 -5.36 8.83 -3.13
C LYS B 25 -5.09 8.87 -4.63
N VAL B 26 -4.14 8.07 -5.10
CA VAL B 26 -3.77 8.10 -6.51
C VAL B 26 -4.97 7.76 -7.38
N HIS B 27 -5.67 6.66 -7.05
CA HIS B 27 -6.80 6.25 -7.87
C HIS B 27 -7.91 7.29 -7.86
N LEU B 28 -8.23 7.83 -6.70
CA LEU B 28 -9.34 8.78 -6.67
C LEU B 28 -9.00 10.04 -7.45
N GLN B 29 -7.75 10.50 -7.39
CA GLN B 29 -7.35 11.64 -8.23
C GLN B 29 -7.46 11.30 -9.71
N LEU B 30 -7.05 10.09 -10.10
CA LEU B 30 -7.14 9.69 -11.50
C LEU B 30 -8.57 9.66 -12.00
N HIS B 31 -9.55 9.51 -11.11
CA HIS B 31 -10.96 9.52 -11.47
C HIS B 31 -11.62 10.86 -11.23
N GLY B 32 -10.84 11.91 -10.94
CA GLY B 32 -11.34 13.27 -10.95
C GLY B 32 -11.74 13.84 -9.61
N PHE B 33 -11.45 13.17 -8.51
CA PHE B 33 -11.72 13.69 -7.18
C PHE B 33 -10.53 14.43 -6.62
N SER B 34 -10.81 15.54 -5.94
N SER B 34 -10.83 15.51 -5.89
CA SER B 34 -9.80 16.22 -5.15
CA SER B 34 -9.82 16.25 -5.14
C SER B 34 -9.69 15.49 -3.82
C SER B 34 -9.69 15.62 -3.76
N VAL B 35 -8.47 15.23 -3.39
CA VAL B 35 -8.23 14.39 -2.23
C VAL B 35 -7.28 15.08 -1.27
N PHE B 36 -7.62 15.02 0.02
CA PHE B 36 -6.72 15.44 1.07
C PHE B 36 -6.12 14.21 1.75
N ILE B 37 -4.80 14.11 1.72
CA ILE B 37 -4.08 13.20 2.62
C ILE B 37 -2.95 14.02 3.25
N ASP B 38 -2.70 13.80 4.54
CA ASP B 38 -1.83 14.66 5.32
C ASP B 38 -0.49 14.88 4.63
N VAL B 39 0.13 13.80 4.15
CA VAL B 39 1.49 13.96 3.62
C VAL B 39 1.53 14.75 2.30
N GLU B 40 0.40 14.91 1.61
CA GLU B 40 0.43 15.73 0.41
C GLU B 40 -0.08 17.14 0.65
N LYS B 41 -1.01 17.35 1.58
CA LYS B 41 -1.73 18.61 1.62
C LYS B 41 -1.76 19.34 2.95
N LEU B 42 -1.32 18.72 4.05
CA LEU B 42 -1.20 19.43 5.31
C LEU B 42 0.05 20.30 5.28
N GLU B 43 -0.13 21.60 5.46
CA GLU B 43 1.01 22.50 5.34
C GLU B 43 1.29 23.09 6.71
N ALA B 44 1.68 24.35 6.77
CA ALA B 44 2.25 24.85 8.01
C ALA B 44 1.16 25.26 8.98
N GLY B 45 1.53 25.27 10.26
CA GLY B 45 0.70 25.74 11.33
C GLY B 45 0.46 24.67 12.38
N LYS B 46 -0.45 24.98 13.30
CA LYS B 46 -0.75 24.02 14.36
C LYS B 46 -1.57 22.88 13.75
N PHE B 47 -0.99 21.68 13.72
CA PHE B 47 -1.58 20.60 12.93
C PHE B 47 -2.91 20.17 13.49
N GLU B 48 -3.12 20.30 14.81
CA GLU B 48 -4.40 19.90 15.37
C GLU B 48 -5.53 20.68 14.70
N ASP B 49 -5.42 22.01 14.69
CA ASP B 49 -6.46 22.84 14.10
C ASP B 49 -6.57 22.59 12.60
N LYS B 50 -5.44 22.47 11.91
CA LYS B 50 -5.49 22.40 10.46
C LYS B 50 -6.10 21.08 9.99
N LEU B 51 -5.79 19.97 10.68
CA LEU B 51 -6.35 18.67 10.29
C LEU B 51 -7.85 18.63 10.52
N ILE B 52 -8.30 19.13 11.67
CA ILE B 52 -9.73 19.18 11.92
C ILE B 52 -10.43 20.06 10.91
N GLN B 53 -9.84 21.23 10.60
CA GLN B 53 -10.44 22.07 9.55
C GLN B 53 -10.53 21.31 8.22
N SER B 54 -9.54 20.49 7.93
CA SER B 54 -9.54 19.79 6.65
C SER B 54 -10.60 18.71 6.61
N VAL B 55 -10.85 18.02 7.74
CA VAL B 55 -11.98 17.10 7.79
C VAL B 55 -13.30 17.86 7.61
N MET B 56 -13.42 19.03 8.23
CA MET B 56 -14.68 19.76 8.17
C MET B 56 -14.97 20.23 6.74
N GLY B 57 -13.92 20.42 5.94
CA GLY B 57 -14.06 20.95 4.59
C GLY B 57 -14.42 19.94 3.53
N ALA B 58 -14.22 18.66 3.81
CA ALA B 58 -14.35 17.62 2.80
C ALA B 58 -15.71 16.94 2.89
N ARG B 59 -16.38 16.76 1.74
CA ARG B 59 -17.70 16.17 1.75
C ARG B 59 -17.62 14.71 2.13
N ASN B 60 -16.58 13.99 1.66
CA ASN B 60 -16.45 12.56 1.83
C ASN B 60 -15.28 12.27 2.78
N PHE B 61 -15.45 11.28 3.65
CA PHE B 61 -14.46 10.90 4.64
C PHE B 61 -14.18 9.42 4.44
N VAL B 62 -13.01 9.11 3.84
CA VAL B 62 -12.61 7.73 3.54
C VAL B 62 -11.71 7.28 4.67
N LEU B 63 -12.16 6.25 5.36
CA LEU B 63 -11.48 5.76 6.55
C LEU B 63 -10.83 4.43 6.26
N VAL B 64 -9.50 4.38 6.36
CA VAL B 64 -8.74 3.17 5.98
C VAL B 64 -8.64 2.30 7.22
N LEU B 65 -9.40 1.22 7.23
CA LEU B 65 -9.40 0.29 8.37
C LEU B 65 -8.45 -0.86 8.04
N SER B 66 -7.18 -0.61 8.24
CA SER B 66 -6.13 -1.63 8.25
C SER B 66 -6.23 -2.44 9.55
N PRO B 67 -5.47 -3.53 9.66
CA PRO B 67 -5.58 -4.36 10.88
C PRO B 67 -5.27 -3.55 12.12
N GLY B 68 -6.18 -3.61 13.08
CA GLY B 68 -6.01 -2.92 14.34
C GLY B 68 -6.14 -1.41 14.28
N ALA B 69 -6.72 -0.88 13.20
CA ALA B 69 -6.68 0.56 12.97
C ALA B 69 -7.42 1.35 14.03
N LEU B 70 -8.38 0.75 14.74
CA LEU B 70 -9.10 1.47 15.79
C LEU B 70 -8.61 1.07 17.19
N ASP B 71 -7.54 0.29 17.30
CA ASP B 71 -7.07 -0.15 18.62
C ASP B 71 -6.71 1.04 19.51
N LYS B 72 -6.00 2.04 18.96
CA LYS B 72 -5.57 3.16 19.78
C LYS B 72 -6.72 4.11 20.09
N CYS B 73 -7.88 3.93 19.46
CA CYS B 73 -9.05 4.69 19.84
C CYS B 73 -9.67 4.14 21.14
N MET B 74 -9.40 2.89 21.45
CA MET B 74 -10.06 2.24 22.58
C MET B 74 -9.56 2.84 23.89
N GLN B 75 -10.50 3.16 24.77
CA GLN B 75 -10.25 3.82 26.06
C GLN B 75 -9.67 5.22 25.92
N ASP B 76 -9.79 5.83 24.75
CA ASP B 76 -9.25 7.17 24.53
C ASP B 76 -10.34 8.20 24.82
N HIS B 77 -10.73 8.26 26.09
CA HIS B 77 -11.91 9.02 26.46
C HIS B 77 -11.68 10.52 26.38
N ASP B 78 -10.43 10.98 26.47
CA ASP B 78 -10.08 12.37 26.27
C ASP B 78 -9.91 12.74 24.79
N CYS B 79 -10.10 11.77 23.89
CA CYS B 79 -10.00 12.01 22.45
C CYS B 79 -8.66 12.62 22.08
N LYS B 80 -7.57 11.96 22.51
CA LYS B 80 -6.23 12.39 22.14
C LYS B 80 -5.71 11.67 20.89
N ASP B 81 -6.27 10.52 20.55
CA ASP B 81 -5.83 9.76 19.39
C ASP B 81 -6.32 10.40 18.09
N TRP B 82 -5.45 10.43 17.07
CA TRP B 82 -5.75 11.24 15.90
C TRP B 82 -6.80 10.63 15.00
N VAL B 83 -6.82 9.32 14.84
CA VAL B 83 -7.91 8.71 14.07
C VAL B 83 -9.23 8.88 14.82
N HIS B 84 -9.20 8.76 16.15
CA HIS B 84 -10.39 9.09 16.93
C HIS B 84 -10.87 10.50 16.65
N LYS B 85 -9.97 11.49 16.73
CA LYS B 85 -10.35 12.88 16.52
C LYS B 85 -10.97 13.08 15.15
N GLU B 86 -10.34 12.48 14.12
CA GLU B 86 -10.81 12.68 12.76
C GLU B 86 -12.18 12.06 12.59
N ILE B 87 -12.39 10.87 13.16
CA ILE B 87 -13.68 10.19 13.05
C ILE B 87 -14.76 11.00 13.75
N VAL B 88 -14.48 11.51 14.95
CA VAL B 88 -15.50 12.28 15.67
C VAL B 88 -15.84 13.56 14.90
N THR B 89 -14.85 14.20 14.29
CA THR B 89 -15.14 15.37 13.47
C THR B 89 -16.05 15.01 12.30
N ALA B 90 -15.75 13.92 11.60
CA ALA B 90 -16.56 13.53 10.45
C ALA B 90 -18.00 13.20 10.87
N LEU B 91 -18.14 12.51 12.00
CA LEU B 91 -19.48 12.18 12.51
C LEU B 91 -20.23 13.44 12.92
N SER B 92 -19.55 14.37 13.60
N SER B 92 -19.56 14.34 13.63
CA SER B 92 -20.21 15.57 14.12
CA SER B 92 -20.21 15.55 14.10
C SER B 92 -20.53 16.57 13.01
C SER B 92 -20.70 16.39 12.93
N CYS B 93 -19.94 16.44 11.83
CA CYS B 93 -20.28 17.25 10.68
C CYS B 93 -21.15 16.50 9.68
N GLY B 94 -21.59 15.29 10.00
CA GLY B 94 -22.46 14.58 9.08
C GLY B 94 -21.82 14.25 7.76
N LYS B 95 -20.52 13.97 7.76
CA LYS B 95 -19.87 13.69 6.48
C LYS B 95 -20.30 12.33 5.94
N ASN B 96 -20.07 12.16 4.65
CA ASN B 96 -20.30 10.87 3.98
C ASN B 96 -19.10 9.99 4.32
N ILE B 97 -19.27 9.11 5.30
CA ILE B 97 -18.19 8.27 5.79
C ILE B 97 -18.16 6.96 5.00
N VAL B 98 -16.99 6.62 4.45
CA VAL B 98 -16.79 5.42 3.62
C VAL B 98 -15.64 4.62 4.21
N PRO B 99 -15.94 3.62 5.04
CA PRO B 99 -14.90 2.75 5.56
C PRO B 99 -14.39 1.80 4.50
N ILE B 100 -13.06 1.65 4.44
CA ILE B 100 -12.39 0.71 3.54
C ILE B 100 -11.72 -0.35 4.42
N ILE B 101 -12.12 -1.60 4.28
CA ILE B 101 -11.69 -2.68 5.16
C ILE B 101 -10.57 -3.45 4.49
N ASP B 102 -9.39 -3.51 5.14
CA ASP B 102 -8.22 -4.23 4.61
C ASP B 102 -7.65 -5.06 5.76
N GLY B 103 -8.25 -6.21 6.01
CA GLY B 103 -7.78 -7.09 7.06
C GLY B 103 -8.28 -6.72 8.44
N PHE B 104 -9.29 -5.86 8.52
CA PHE B 104 -9.84 -5.32 9.75
C PHE B 104 -10.87 -6.28 10.30
N GLU B 105 -10.87 -6.45 11.62
CA GLU B 105 -11.92 -7.20 12.31
C GLU B 105 -12.84 -6.22 13.03
N TRP B 106 -14.14 -6.33 12.76
CA TRP B 106 -15.11 -5.42 13.36
C TRP B 106 -15.13 -5.63 14.86
N PRO B 107 -14.87 -4.61 15.68
CA PRO B 107 -14.99 -4.78 17.13
C PRO B 107 -16.43 -4.62 17.57
N GLU B 108 -16.70 -5.05 18.81
CA GLU B 108 -17.98 -4.76 19.43
C GLU B 108 -18.06 -3.26 19.75
N PRO B 109 -19.23 -2.63 19.57
CA PRO B 109 -19.31 -1.19 19.81
C PRO B 109 -18.83 -0.76 21.18
N GLN B 110 -19.06 -1.58 22.21
CA GLN B 110 -18.79 -1.14 23.58
C GLN B 110 -17.31 -1.02 23.89
N VAL B 111 -16.42 -1.54 23.04
CA VAL B 111 -15.00 -1.35 23.30
C VAL B 111 -14.51 0.02 22.82
N LEU B 112 -15.33 0.77 22.08
CA LEU B 112 -14.96 2.07 21.54
C LEU B 112 -15.60 3.22 22.29
N PRO B 113 -14.98 4.39 22.32
CA PRO B 113 -15.60 5.55 22.98
C PRO B 113 -16.96 5.86 22.37
N GLU B 114 -17.90 6.28 23.23
CA GLU B 114 -19.27 6.46 22.76
C GLU B 114 -19.36 7.46 21.62
N ASP B 115 -18.44 8.43 21.57
CA ASP B 115 -18.54 9.47 20.57
C ASP B 115 -18.12 9.00 19.18
N MET B 116 -17.64 7.76 19.04
CA MET B 116 -17.33 7.24 17.71
C MET B 116 -17.92 5.87 17.42
N GLN B 117 -18.71 5.30 18.34
CA GLN B 117 -19.31 4.00 18.05
C GLN B 117 -20.14 4.03 16.76
N ALA B 118 -20.69 5.19 16.40
CA ALA B 118 -21.52 5.26 15.22
C ALA B 118 -20.75 4.95 13.94
N VAL B 119 -19.42 5.00 13.97
CA VAL B 119 -18.67 4.75 12.73
C VAL B 119 -18.92 3.33 12.23
N LEU B 120 -19.17 2.41 13.15
CA LEU B 120 -19.42 1.03 12.80
C LEU B 120 -20.73 0.83 12.07
N THR B 121 -21.62 1.82 12.03
CA THR B 121 -22.91 1.66 11.38
C THR B 121 -22.90 2.01 9.90
N PHE B 122 -21.76 2.44 9.36
CA PHE B 122 -21.68 2.88 7.97
C PHE B 122 -21.28 1.70 7.10
N ASN B 123 -21.93 1.59 5.95
CA ASN B 123 -21.62 0.53 5.00
C ASN B 123 -20.18 0.66 4.51
N GLY B 124 -19.39 -0.40 4.73
CA GLY B 124 -18.00 -0.40 4.34
C GLY B 124 -17.74 -1.18 3.04
N ILE B 125 -16.54 -0.98 2.51
CA ILE B 125 -16.08 -1.57 1.25
C ILE B 125 -14.85 -2.41 1.55
N LYS B 126 -14.83 -3.64 1.07
CA LYS B 126 -13.70 -4.53 1.29
C LYS B 126 -12.66 -4.30 0.20
N TRP B 127 -11.42 -4.00 0.62
CA TRP B 127 -10.33 -3.86 -0.32
C TRP B 127 -10.00 -5.24 -0.86
N SER B 128 -10.05 -5.40 -2.18
CA SER B 128 -9.69 -6.64 -2.83
C SER B 128 -8.43 -6.47 -3.65
N HIS B 129 -7.35 -7.09 -3.19
CA HIS B 129 -6.08 -7.06 -3.92
C HIS B 129 -6.21 -7.68 -5.29
N GLU B 130 -7.07 -8.69 -5.44
CA GLU B 130 -7.22 -9.33 -6.73
C GLU B 130 -8.14 -8.58 -7.68
N TYR B 131 -9.04 -7.75 -7.15
CA TYR B 131 -10.00 -7.00 -7.96
C TYR B 131 -9.95 -5.54 -7.57
N GLN B 132 -8.80 -4.89 -7.81
CA GLN B 132 -8.63 -3.51 -7.29
C GLN B 132 -9.44 -2.50 -8.08
N GLU B 133 -9.48 -2.66 -9.40
CA GLU B 133 -10.24 -1.72 -10.22
C GLU B 133 -11.71 -1.76 -9.84
N ALA B 134 -12.25 -2.96 -9.58
CA ALA B 134 -13.64 -3.07 -9.14
C ALA B 134 -13.83 -2.46 -7.77
N THR B 135 -12.85 -2.61 -6.87
CA THR B 135 -12.92 -1.95 -5.58
C THR B 135 -12.98 -0.44 -5.73
N ILE B 136 -12.11 0.11 -6.58
CA ILE B 136 -12.09 1.56 -6.80
C ILE B 136 -13.41 2.01 -7.40
N GLU B 137 -13.97 1.23 -8.32
CA GLU B 137 -15.25 1.65 -8.91
C GLU B 137 -16.34 1.68 -7.86
N LYS B 138 -16.31 0.74 -6.93
CA LYS B 138 -17.32 0.72 -5.86
C LYS B 138 -17.14 1.92 -4.94
N ILE B 139 -15.88 2.23 -4.59
CA ILE B 139 -15.63 3.42 -3.78
C ILE B 139 -16.22 4.66 -4.45
N ILE B 140 -15.97 4.80 -5.75
CA ILE B 140 -16.46 5.96 -6.48
C ILE B 140 -17.98 6.02 -6.45
N ARG B 141 -18.66 4.86 -6.56
CA ARG B 141 -20.12 4.85 -6.42
C ARG B 141 -20.56 5.33 -5.04
N PHE B 142 -19.79 5.06 -4.00
CA PHE B 142 -20.13 5.50 -2.66
C PHE B 142 -19.88 6.99 -2.42
N LEU B 143 -19.00 7.62 -3.19
CA LEU B 143 -18.67 9.02 -2.99
C LEU B 143 -19.77 9.93 -3.51
N GLN B 144 -19.96 11.03 -2.80
CA GLN B 144 -20.91 12.09 -3.14
C GLN B 144 -20.21 13.27 -3.79
#